data_5EID
#
_entry.id   5EID
#
_cell.length_a   124.141
_cell.length_b   39.193
_cell.length_c   28.499
_cell.angle_alpha   90.000
_cell.angle_beta   96.290
_cell.angle_gamma   90.000
#
_symmetry.space_group_name_H-M   'C 1 2 1'
#
loop_
_entity.id
_entity.type
_entity.pdbx_description
1 polymer 'Ankyrin repeat domain-containing protein 2'
2 water water
#
_entity_poly.entity_id   1
_entity_poly.type   'polypeptide(L)'
_entity_poly.pdbx_seq_one_letter_code
;MGSSHHHHHHSSGLVPRGSHMASMTGGQQMGRGSEFVAEEGEEEESIVHQTASLGDVEGLKAALASGGNKDEEDSEGRTA
LHFACGYGELKCAQVLIDAGASVNAVDKNKNTPLHYAAGYGRKECVSLLLENGAAVTLQNLDEKTPIDVAKLNSQLEVVK
LLEKDAFL
;
_entity_poly.pdbx_strand_id   A
#
# COMPACT_ATOMS: atom_id res chain seq x y z
N SER A 46 8.45 2.72 14.77
CA SER A 46 9.23 3.30 13.69
C SER A 46 8.65 4.65 13.26
N ILE A 47 9.52 5.65 13.14
CA ILE A 47 9.06 7.01 12.84
C ILE A 47 8.59 7.12 11.40
N VAL A 48 9.17 6.32 10.50
CA VAL A 48 8.71 6.32 9.13
C VAL A 48 7.30 5.70 9.04
N HIS A 49 7.05 4.67 9.83
CA HIS A 49 5.72 4.08 9.92
C HIS A 49 4.72 5.04 10.59
N GLN A 50 5.16 5.72 11.64
CA GLN A 50 4.27 6.59 12.40
C GLN A 50 3.77 7.75 11.54
N THR A 51 4.69 8.53 10.98
CA THR A 51 4.33 9.67 10.15
C THR A 51 3.48 9.26 8.95
N ALA A 52 3.88 8.19 8.25
CA ALA A 52 3.07 7.72 7.13
C ALA A 52 1.65 7.36 7.56
N SER A 53 1.52 6.69 8.69
CA SER A 53 0.21 6.28 9.21
C SER A 53 -0.70 7.47 9.53
N LEU A 54 -0.11 8.58 9.99
CA LEU A 54 -0.88 9.74 10.42
C LEU A 54 -1.11 10.75 9.31
N GLY A 55 -0.47 10.51 8.17
CA GLY A 55 -0.57 11.45 7.06
C GLY A 55 0.31 12.66 7.25
N ASP A 56 1.36 12.50 8.05
CA ASP A 56 2.33 13.58 8.32
C ASP A 56 3.40 13.62 7.24
N VAL A 57 3.07 14.19 6.08
CA VAL A 57 3.98 14.25 4.94
C VAL A 57 5.31 14.90 5.28
N GLU A 58 5.26 16.06 5.94
CA GLU A 58 6.47 16.80 6.30
C GLU A 58 7.34 15.98 7.24
N GLY A 59 6.71 15.30 8.19
CA GLY A 59 7.43 14.44 9.10
C GLY A 59 8.06 13.25 8.41
N LEU A 60 7.32 12.66 7.47
CA LEU A 60 7.80 11.52 6.72
C LEU A 60 8.99 11.93 5.88
N LYS A 61 8.87 13.08 5.23
CA LYS A 61 9.95 13.61 4.42
C LYS A 61 11.18 13.82 5.30
N ALA A 62 10.94 14.29 6.52
CA ALA A 62 12.04 14.53 7.46
C ALA A 62 12.70 13.23 7.89
N ALA A 63 11.88 12.22 8.19
CA ALA A 63 12.40 10.93 8.63
C ALA A 63 13.26 10.30 7.53
N LEU A 64 12.77 10.34 6.30
CA LEU A 64 13.55 9.78 5.19
C LEU A 64 14.81 10.61 4.94
N ALA A 65 14.73 11.90 5.22
CA ALA A 65 15.87 12.79 5.06
C ALA A 65 16.99 12.46 6.03
N SER A 66 16.62 12.10 7.25
CA SER A 66 17.59 11.78 8.28
C SER A 66 18.03 10.33 8.18
N GLY A 67 17.72 9.70 7.05
CA GLY A 67 18.18 8.36 6.77
C GLY A 67 17.24 7.26 7.26
N GLY A 68 15.95 7.59 7.44
CA GLY A 68 14.96 6.59 7.77
C GLY A 68 14.85 5.58 6.64
N ASN A 69 14.57 4.32 6.96
CA ASN A 69 14.57 3.27 5.94
C ASN A 69 13.18 3.07 5.36
N LYS A 70 13.03 3.43 4.09
CA LYS A 70 11.73 3.46 3.44
C LYS A 70 11.07 2.08 3.43
N ASP A 71 11.89 1.02 3.36
CA ASP A 71 11.33 -0.32 3.31
C ASP A 71 11.53 -1.08 4.62
N GLU A 72 11.79 -0.35 5.70
CA GLU A 72 11.83 -0.98 7.01
C GLU A 72 10.48 -1.62 7.31
N GLU A 73 10.49 -2.81 7.90
CA GLU A 73 9.23 -3.48 8.17
C GLU A 73 8.95 -3.66 9.66
N ASP A 74 7.67 -3.66 10.02
CA ASP A 74 7.17 -3.91 11.36
CA ASP A 74 7.34 -3.86 11.43
C ASP A 74 7.40 -5.35 11.75
N SER A 75 6.89 -5.71 12.92
CA SER A 75 6.96 -7.08 13.38
C SER A 75 6.01 -7.98 12.57
N GLU A 76 5.10 -7.35 11.83
CA GLU A 76 4.12 -8.04 11.01
C GLU A 76 4.52 -8.01 9.54
N GLY A 77 5.70 -7.46 9.26
CA GLY A 77 6.19 -7.38 7.91
C GLY A 77 5.61 -6.20 7.13
N ARG A 78 5.00 -5.25 7.82
CA ARG A 78 4.41 -4.11 7.14
C ARG A 78 5.44 -3.00 6.95
N THR A 79 5.41 -2.39 5.77
CA THR A 79 6.22 -1.22 5.46
C THR A 79 5.38 0.01 5.59
N ALA A 80 6.04 1.16 5.56
CA ALA A 80 5.34 2.42 5.71
C ALA A 80 4.33 2.61 4.58
N LEU A 81 4.66 2.12 3.39
CA LEU A 81 3.74 2.16 2.26
C LEU A 81 2.48 1.34 2.51
N HIS A 82 2.57 0.28 3.33
CA HIS A 82 1.39 -0.50 3.67
C HIS A 82 0.40 0.36 4.44
N PHE A 83 0.90 1.11 5.42
CA PHE A 83 0.06 1.98 6.21
C PHE A 83 -0.51 3.15 5.42
N ALA A 84 0.34 3.84 4.66
CA ALA A 84 -0.11 4.98 3.84
C ALA A 84 -1.27 4.56 2.95
N CYS A 85 -1.14 3.41 2.31
CA CYS A 85 -2.17 2.93 1.39
C CYS A 85 -3.43 2.44 2.09
N GLY A 86 -3.28 1.85 3.26
CA GLY A 86 -4.41 1.36 4.00
C GLY A 86 -5.21 2.48 4.62
N TYR A 87 -4.51 3.52 5.09
CA TYR A 87 -5.14 4.67 5.70
C TYR A 87 -5.58 5.71 4.70
N GLY A 88 -5.24 5.51 3.43
CA GLY A 88 -5.64 6.43 2.37
C GLY A 88 -4.82 7.70 2.36
N GLU A 89 -3.56 7.59 2.78
CA GLU A 89 -2.69 8.77 2.80
C GLU A 89 -1.90 8.86 1.51
N LEU A 90 -2.51 9.50 0.51
CA LEU A 90 -1.99 9.53 -0.85
C LEU A 90 -0.68 10.27 -0.95
N LYS A 91 -0.61 11.42 -0.32
CA LYS A 91 0.58 12.25 -0.33
C LYS A 91 1.79 11.49 0.23
N CYS A 92 1.58 10.86 1.39
CA CYS A 92 2.64 10.09 2.02
C CYS A 92 3.03 8.91 1.16
N ALA A 93 2.04 8.25 0.58
CA ALA A 93 2.32 7.14 -0.33
C ALA A 93 3.16 7.65 -1.51
N GLN A 94 2.80 8.81 -2.05
CA GLN A 94 3.57 9.37 -3.15
C GLN A 94 5.03 9.63 -2.73
N VAL A 95 5.22 10.12 -1.50
CA VAL A 95 6.55 10.38 -0.99
C VAL A 95 7.38 9.10 -0.90
N LEU A 96 6.78 8.06 -0.32
CA LEU A 96 7.46 6.78 -0.20
C LEU A 96 7.83 6.23 -1.57
N ILE A 97 6.90 6.28 -2.50
CA ILE A 97 7.13 5.76 -3.84
C ILE A 97 8.25 6.54 -4.52
N ASP A 98 8.19 7.87 -4.42
CA ASP A 98 9.25 8.73 -4.96
C ASP A 98 10.61 8.40 -4.35
N ALA A 99 10.63 8.03 -3.08
CA ALA A 99 11.89 7.74 -2.38
C ALA A 99 12.43 6.36 -2.74
N GLY A 100 11.63 5.55 -3.42
CA GLY A 100 12.09 4.27 -3.91
C GLY A 100 11.50 3.05 -3.24
N ALA A 101 10.49 3.26 -2.40
CA ALA A 101 9.89 2.17 -1.63
C ALA A 101 9.26 1.15 -2.56
N SER A 102 9.35 -0.14 -2.20
CA SER A 102 8.78 -1.18 -3.05
C SER A 102 7.26 -1.12 -3.07
N VAL A 103 6.74 -0.96 -4.27
CA VAL A 103 5.32 -0.81 -4.48
C VAL A 103 4.66 -2.17 -4.25
N ASN A 104 5.44 -3.24 -4.44
CA ASN A 104 4.94 -4.60 -4.30
C ASN A 104 5.36 -5.32 -3.01
N ALA A 105 5.75 -4.59 -1.99
CA ALA A 105 6.21 -5.20 -0.74
C ALA A 105 5.14 -6.09 -0.08
N VAL A 106 5.52 -7.26 0.42
CA VAL A 106 4.56 -8.15 1.03
C VAL A 106 4.84 -8.24 2.53
N ASP A 107 3.77 -8.25 3.31
CA ASP A 107 3.86 -8.43 4.76
C ASP A 107 3.87 -9.92 5.10
N LYS A 108 3.71 -10.28 6.38
CA LYS A 108 3.76 -11.68 6.78
C LYS A 108 2.60 -12.53 6.24
N ASN A 109 1.52 -11.88 5.83
CA ASN A 109 0.39 -12.57 5.22
C ASN A 109 0.47 -12.52 3.70
N LYS A 110 1.62 -12.07 3.20
CA LYS A 110 1.89 -11.86 1.78
C LYS A 110 0.90 -10.88 1.16
N ASN A 111 0.46 -9.90 1.95
CA ASN A 111 -0.37 -8.83 1.44
C ASN A 111 0.50 -7.65 1.02
N THR A 112 0.23 -7.11 -0.16
CA THR A 112 0.96 -5.99 -0.72
C THR A 112 0.25 -4.68 -0.36
N PRO A 113 0.89 -3.53 -0.65
CA PRO A 113 0.15 -2.27 -0.43
C PRO A 113 -1.15 -2.18 -1.24
N LEU A 114 -1.19 -2.85 -2.37
CA LEU A 114 -2.41 -2.85 -3.16
C LEU A 114 -3.51 -3.65 -2.47
N HIS A 115 -3.14 -4.73 -1.75
CA HIS A 115 -4.13 -5.44 -0.91
C HIS A 115 -4.70 -4.53 0.16
N TYR A 116 -3.83 -3.74 0.79
CA TYR A 116 -4.24 -2.80 1.82
C TYR A 116 -5.18 -1.71 1.29
N ALA A 117 -4.80 -1.06 0.19
CA ALA A 117 -5.67 -0.04 -0.38
C ALA A 117 -6.98 -0.66 -0.85
N ALA A 118 -6.92 -1.85 -1.42
CA ALA A 118 -8.12 -2.51 -1.93
C ALA A 118 -9.09 -2.85 -0.81
N GLY A 119 -8.58 -3.50 0.23
CA GLY A 119 -9.43 -3.99 1.29
C GLY A 119 -10.06 -2.88 2.10
N TYR A 120 -9.36 -1.77 2.25
CA TYR A 120 -9.91 -0.60 2.93
C TYR A 120 -10.59 0.40 2.00
N GLY A 121 -10.70 0.06 0.72
CA GLY A 121 -11.43 0.91 -0.23
C GLY A 121 -10.81 2.26 -0.51
N ARG A 122 -9.49 2.34 -0.49
CA ARG A 122 -8.80 3.60 -0.74
C ARG A 122 -8.53 3.74 -2.24
N LYS A 123 -9.54 4.20 -2.97
CA LYS A 123 -9.48 4.26 -4.44
C LYS A 123 -8.33 5.10 -4.99
N GLU A 124 -8.11 6.26 -4.41
CA GLU A 124 -7.02 7.13 -4.87
C GLU A 124 -5.68 6.42 -4.73
N CYS A 125 -5.51 5.69 -3.62
CA CYS A 125 -4.29 4.96 -3.40
C CYS A 125 -4.10 3.77 -4.35
N VAL A 126 -5.19 3.05 -4.59
CA VAL A 126 -5.16 1.98 -5.59
C VAL A 126 -4.70 2.54 -6.94
N SER A 127 -5.30 3.66 -7.35
CA SER A 127 -4.93 4.30 -8.61
C SER A 127 -3.45 4.67 -8.68
N LEU A 128 -2.92 5.24 -7.59
CA LEU A 128 -1.50 5.58 -7.50
C LEU A 128 -0.63 4.35 -7.70
N LEU A 129 -1.00 3.26 -7.03
CA LEU A 129 -0.27 2.00 -7.12
C LEU A 129 -0.29 1.48 -8.55
N LEU A 130 -1.45 1.60 -9.18
CA LEU A 130 -1.62 1.16 -10.57
C LEU A 130 -0.77 1.92 -11.58
N GLU A 131 -0.58 3.22 -11.38
CA GLU A 131 0.24 3.98 -12.31
C GLU A 131 1.74 3.83 -12.01
N ASN A 132 2.06 3.18 -10.90
CA ASN A 132 3.44 2.85 -10.61
C ASN A 132 3.74 1.36 -10.74
N GLY A 133 2.93 0.69 -11.56
CA GLY A 133 3.17 -0.68 -11.96
C GLY A 133 3.05 -1.75 -10.89
N ALA A 134 2.17 -1.54 -9.91
CA ALA A 134 1.94 -2.57 -8.90
C ALA A 134 1.38 -3.84 -9.54
N ALA A 135 1.75 -4.99 -9.01
CA ALA A 135 1.28 -6.27 -9.53
C ALA A 135 -0.13 -6.61 -9.03
N VAL A 136 -1.12 -6.61 -9.93
CA VAL A 136 -2.50 -6.82 -9.51
C VAL A 136 -2.88 -8.29 -9.42
N THR A 137 -2.02 -9.17 -9.89
CA THR A 137 -2.33 -10.60 -9.86
C THR A 137 -1.61 -11.31 -8.73
N LEU A 138 -0.95 -10.55 -7.87
CA LEU A 138 -0.17 -11.15 -6.79
C LEU A 138 -1.10 -11.73 -5.70
N GLN A 139 -0.85 -12.97 -5.32
CA GLN A 139 -1.73 -13.64 -4.37
C GLN A 139 -1.11 -13.62 -2.98
N ASN A 140 -1.95 -13.43 -1.97
CA ASN A 140 -1.47 -13.58 -0.60
C ASN A 140 -1.42 -15.04 -0.18
N LEU A 141 -1.15 -15.30 1.10
CA LEU A 141 -1.06 -16.67 1.59
C LEU A 141 -2.35 -17.49 1.49
N ASP A 142 -3.48 -16.80 1.39
CA ASP A 142 -4.77 -17.47 1.16
C ASP A 142 -5.18 -17.41 -0.32
N GLU A 143 -4.19 -17.21 -1.20
CA GLU A 143 -4.41 -17.25 -2.65
C GLU A 143 -5.38 -16.20 -3.14
N LYS A 144 -5.34 -15.04 -2.51
CA LYS A 144 -6.24 -13.98 -2.92
C LYS A 144 -5.51 -12.76 -3.45
N THR A 145 -5.94 -12.31 -4.62
CA THR A 145 -5.42 -11.11 -5.27
C THR A 145 -6.08 -9.87 -4.69
N PRO A 146 -5.59 -8.67 -5.05
CA PRO A 146 -6.24 -7.50 -4.44
C PRO A 146 -7.71 -7.29 -4.83
N ILE A 147 -8.12 -7.69 -6.03
CA ILE A 147 -9.52 -7.58 -6.40
C ILE A 147 -10.37 -8.57 -5.59
N ASP A 148 -9.79 -9.70 -5.20
CA ASP A 148 -10.50 -10.66 -4.35
C ASP A 148 -10.73 -10.09 -2.94
N VAL A 149 -9.69 -9.46 -2.42
CA VAL A 149 -9.78 -8.86 -1.10
C VAL A 149 -10.77 -7.68 -1.13
N ALA A 150 -10.75 -6.89 -2.20
CA ALA A 150 -11.75 -5.83 -2.42
C ALA A 150 -13.17 -6.37 -2.31
N LYS A 151 -13.46 -7.43 -3.07
CA LYS A 151 -14.78 -8.05 -3.03
C LYS A 151 -15.16 -8.55 -1.62
N LEU A 152 -14.23 -9.25 -0.97
CA LEU A 152 -14.48 -9.83 0.35
C LEU A 152 -14.76 -8.77 1.36
N ASN A 153 -14.13 -7.62 1.20
CA ASN A 153 -14.37 -6.51 2.11
C ASN A 153 -15.43 -5.53 1.62
N SER A 154 -16.22 -5.96 0.63
CA SER A 154 -17.35 -5.18 0.11
C SER A 154 -16.95 -3.82 -0.49
N GLN A 155 -15.71 -3.71 -0.92
CA GLN A 155 -15.22 -2.48 -1.54
C GLN A 155 -15.52 -2.51 -3.03
N LEU A 156 -16.79 -2.35 -3.37
CA LEU A 156 -17.25 -2.64 -4.72
C LEU A 156 -16.75 -1.62 -5.74
N GLU A 157 -16.43 -0.41 -5.28
CA GLU A 157 -15.92 0.60 -6.19
C GLU A 157 -14.48 0.29 -6.56
N VAL A 158 -13.75 -0.30 -5.64
CA VAL A 158 -12.41 -0.76 -5.93
C VAL A 158 -12.47 -1.98 -6.85
N VAL A 159 -13.48 -2.84 -6.65
CA VAL A 159 -13.65 -3.98 -7.55
C VAL A 159 -13.89 -3.46 -8.96
N LYS A 160 -14.82 -2.52 -9.11
CA LYS A 160 -15.12 -1.97 -10.45
C LYS A 160 -13.90 -1.38 -11.18
N LEU A 161 -13.00 -0.74 -10.44
CA LEU A 161 -11.75 -0.23 -11.03
C LEU A 161 -10.81 -1.37 -11.48
N LEU A 162 -10.52 -2.31 -10.58
CA LEU A 162 -9.58 -3.39 -10.85
C LEU A 162 -10.06 -4.34 -11.93
N GLU A 163 -11.38 -4.41 -12.11
CA GLU A 163 -11.99 -5.22 -13.17
C GLU A 163 -11.52 -4.76 -14.53
N LYS A 164 -11.11 -3.50 -14.62
CA LYS A 164 -10.70 -2.95 -15.89
C LYS A 164 -9.25 -3.34 -16.23
N ASP A 165 -8.45 -3.64 -15.20
CA ASP A 165 -7.02 -3.85 -15.39
C ASP A 165 -6.55 -5.27 -15.03
N ALA A 166 -7.31 -5.96 -14.19
CA ALA A 166 -6.87 -7.27 -13.70
C ALA A 166 -7.39 -8.41 -14.56
N PHE A 167 -6.48 -9.23 -15.05
CA PHE A 167 -6.88 -10.36 -15.90
C PHE A 167 -6.56 -11.68 -15.20
N LEU A 168 -7.59 -12.30 -14.65
CA LEU A 168 -7.42 -13.47 -13.78
C LEU A 168 -8.12 -14.71 -14.32
#